data_8PQK
#
_entry.id   8PQK
#
_cell.length_a   95.900
_cell.length_b   49.020
_cell.length_c   76.980
_cell.angle_alpha   90.000
_cell.angle_beta   100.690
_cell.angle_gamma   90.000
#
_symmetry.space_group_name_H-M   'C 1 2 1'
#
loop_
_entity.id
_entity.type
_entity.pdbx_description
1 polymer 'Platelet-derived growth factor receptor alpha'
2 water water
#
_entity_poly.entity_id   1
_entity_poly.type   'polypeptide(L)'
_entity_poly.pdbx_seq_one_letter_code
;KQKPRYEIRWRVIESISPDGHEYIYVDPMQLPYDSRWEFPRDGLVLGRVLGSGAFGKVVEGTAYGLSRSQPVMKVAVKML
KPTARSSEKQALMSELKIMTHLGPHLNIVNLLGACTKSGPIYIIIEYCFYGDLVNYLHKNRDSFLSHKKKSMLDSEVKNL
LSDDNSEGLTLLDLLSFTYQVARGMEFLASKNCVHRDLAARNVLLAQGKIVKICDFGLARDIMHDSNYVSKGSTFLPVKW
MAPESIFDNLYTTLSDVWSYGILLWEIFSLGGTPYPGMMVDSTFYNKIKSGYRMAKPDHATSEVYEIMVKCWNSEPEKRP
SFYHLSEIVENLLPGQYKKSYEKIHLDFLKSD
;
_entity_poly.pdbx_strand_id   A
#
# COMPACT_ATOMS: atom_id res chain seq x y z
N ARG A 5 -7.69 -13.83 12.60
CA ARG A 5 -7.78 -12.48 13.15
C ARG A 5 -7.06 -11.48 12.25
N TYR A 6 -7.19 -10.19 12.54
CA TYR A 6 -6.46 -9.19 11.77
C TYR A 6 -4.98 -9.27 12.04
N GLU A 7 -4.19 -9.12 10.99
CA GLU A 7 -2.74 -9.08 11.09
C GLU A 7 -2.21 -8.39 9.84
N ILE A 8 -1.25 -7.49 10.01
CA ILE A 8 -0.68 -6.81 8.86
C ILE A 8 0.03 -7.84 7.99
N ARG A 9 -0.10 -7.69 6.67
CA ARG A 9 0.50 -8.66 5.76
C ARG A 9 2.00 -8.43 5.59
N TRP A 10 2.49 -7.25 5.98
CA TRP A 10 3.90 -6.94 5.79
C TRP A 10 4.77 -7.87 6.62
N ARG A 11 5.96 -8.15 6.09
CA ARG A 11 6.92 -9.02 6.74
C ARG A 11 8.32 -8.49 6.51
N VAL A 12 9.15 -8.53 7.55
CA VAL A 12 10.50 -8.01 7.51
C VAL A 12 11.48 -9.18 7.58
N ILE A 13 12.43 -9.21 6.64
CA ILE A 13 13.41 -10.29 6.57
C ILE A 13 14.52 -10.04 7.58
N GLU A 14 14.83 -11.06 8.38
CA GLU A 14 15.94 -10.97 9.32
C GLU A 14 17.18 -11.67 8.79
N ILE A 24 14.53 -16.10 7.15
CA ILE A 24 13.98 -16.01 8.51
C ILE A 24 13.35 -14.64 8.72
N TYR A 25 12.05 -14.65 9.03
CA TYR A 25 11.30 -13.42 9.18
C TYR A 25 11.44 -12.85 10.58
N VAL A 26 11.44 -11.52 10.67
CA VAL A 26 11.51 -10.86 11.97
C VAL A 26 10.23 -11.14 12.75
N ASP A 27 10.38 -11.54 14.02
CA ASP A 27 9.22 -11.78 14.88
C ASP A 27 8.79 -10.45 15.49
N PRO A 28 7.65 -9.88 15.10
CA PRO A 28 7.29 -8.54 15.60
C PRO A 28 7.04 -8.50 17.09
N MET A 29 6.65 -9.61 17.71
CA MET A 29 6.42 -9.62 19.16
C MET A 29 7.71 -9.50 19.96
N GLN A 30 8.86 -9.78 19.34
CA GLN A 30 10.14 -9.61 19.99
C GLN A 30 10.75 -8.23 19.73
N LEU A 31 10.09 -7.41 18.91
CA LEU A 31 10.55 -6.05 18.69
C LEU A 31 10.14 -5.16 19.86
N PRO A 32 10.89 -4.10 20.13
CA PRO A 32 10.48 -3.16 21.18
C PRO A 32 9.51 -2.12 20.66
N TYR A 33 8.69 -1.61 21.57
CA TYR A 33 7.80 -0.48 21.29
C TYR A 33 8.38 0.77 21.95
N ASP A 34 8.82 1.72 21.12
CA ASP A 34 9.39 2.98 21.61
C ASP A 34 8.26 3.86 22.13
N SER A 35 8.26 4.12 23.44
CA SER A 35 7.18 4.89 24.06
C SER A 35 7.19 6.35 23.62
N ARG A 36 8.16 6.79 22.82
CA ARG A 36 8.12 8.15 22.29
C ARG A 36 6.91 8.38 21.39
N TRP A 37 6.33 7.30 20.88
CA TRP A 37 5.15 7.41 20.04
C TRP A 37 3.86 7.57 20.85
N GLU A 38 3.92 7.38 22.16
CA GLU A 38 2.71 7.39 22.97
C GLU A 38 2.07 8.78 22.96
N PHE A 39 0.78 8.81 22.69
CA PHE A 39 0.04 10.06 22.56
C PHE A 39 -1.18 10.00 23.49
N PRO A 40 -1.42 11.05 24.29
CA PRO A 40 -2.56 11.00 25.22
C PRO A 40 -3.88 10.85 24.48
N ARG A 41 -4.78 10.07 25.06
CA ARG A 41 -6.00 9.71 24.36
C ARG A 41 -6.92 10.91 24.18
N ASP A 42 -6.98 11.81 25.16
CA ASP A 42 -7.85 12.97 25.03
C ASP A 42 -7.25 14.07 24.17
N GLY A 43 -6.05 13.86 23.62
CA GLY A 43 -5.56 14.69 22.54
C GLY A 43 -6.08 14.31 21.19
N LEU A 44 -6.90 13.25 21.15
CA LEU A 44 -7.42 12.68 19.91
C LEU A 44 -8.94 12.73 19.93
N VAL A 45 -9.54 13.26 18.86
CA VAL A 45 -10.99 13.32 18.71
C VAL A 45 -11.34 12.52 17.47
N LEU A 46 -12.11 11.44 17.65
CA LEU A 46 -12.39 10.52 16.56
C LEU A 46 -13.57 11.00 15.73
N GLY A 47 -13.50 10.76 14.42
CA GLY A 47 -14.54 11.19 13.51
C GLY A 47 -15.21 10.04 12.79
N ARG A 48 -15.62 10.28 11.53
CA ARG A 48 -16.37 9.29 10.78
C ARG A 48 -15.46 8.16 10.31
N VAL A 49 -16.08 7.04 9.96
CA VAL A 49 -15.34 5.86 9.52
CA VAL A 49 -15.35 5.86 9.52
C VAL A 49 -14.87 6.06 8.09
N LEU A 50 -13.63 5.64 7.83
CA LEU A 50 -13.08 5.59 6.49
C LEU A 50 -13.21 4.21 5.85
N GLY A 51 -13.17 3.16 6.68
CA GLY A 51 -13.36 1.80 6.23
C GLY A 51 -13.57 0.89 7.42
N SER A 52 -14.54 0.00 7.34
CA SER A 52 -14.88 -0.90 8.43
C SER A 52 -14.76 -2.34 7.96
N GLY A 53 -14.03 -3.15 8.71
CA GLY A 53 -13.81 -4.53 8.34
C GLY A 53 -14.34 -5.53 9.34
N ALA A 54 -13.89 -6.78 9.23
CA ALA A 54 -14.40 -7.83 10.11
C ALA A 54 -13.84 -7.74 11.52
N PHE A 55 -12.66 -7.15 11.68
CA PHE A 55 -11.98 -7.12 12.98
C PHE A 55 -11.84 -5.72 13.56
N GLY A 56 -12.04 -4.68 12.77
CA GLY A 56 -11.89 -3.32 13.26
C GLY A 56 -12.24 -2.30 12.20
N LYS A 57 -11.65 -1.10 12.31
CA LYS A 57 -11.99 -0.04 11.38
C LYS A 57 -10.89 1.01 11.39
N VAL A 58 -10.92 1.87 10.37
CA VAL A 58 -10.10 3.06 10.29
C VAL A 58 -11.03 4.26 10.22
N VAL A 59 -10.81 5.24 11.10
CA VAL A 59 -11.68 6.40 11.18
C VAL A 59 -10.86 7.67 11.04
N GLU A 60 -11.54 8.74 10.63
CA GLU A 60 -10.94 10.06 10.67
C GLU A 60 -10.76 10.52 12.12
N GLY A 61 -9.79 11.39 12.33
CA GLY A 61 -9.56 11.93 13.65
C GLY A 61 -8.91 13.29 13.58
N THR A 62 -8.97 14.00 14.69
CA THR A 62 -8.28 15.27 14.85
C THR A 62 -7.35 15.15 16.05
N ALA A 63 -6.07 15.40 15.83
CA ALA A 63 -5.05 15.27 16.85
C ALA A 63 -4.55 16.65 17.26
N TYR A 64 -4.55 16.92 18.56
CA TYR A 64 -4.12 18.20 19.12
C TYR A 64 -2.75 18.03 19.77
N GLY A 65 -1.77 18.77 19.28
CA GLY A 65 -0.42 18.70 19.82
C GLY A 65 0.38 17.50 19.38
N LEU A 66 -0.09 16.76 18.37
CA LEU A 66 0.69 15.63 17.87
C LEU A 66 1.86 16.10 17.03
N SER A 67 1.70 17.22 16.34
CA SER A 67 2.77 17.83 15.56
C SER A 67 2.99 19.26 16.05
N ARG A 68 4.25 19.63 16.26
CA ARG A 68 4.54 21.00 16.66
C ARG A 68 4.29 21.99 15.52
N SER A 69 4.51 21.56 14.28
CA SER A 69 4.23 22.45 13.15
C SER A 69 2.75 22.50 12.85
N GLN A 70 2.00 21.44 13.18
CA GLN A 70 0.55 21.37 12.98
C GLN A 70 -0.09 21.05 14.32
N PRO A 71 -0.28 22.06 15.19
CA PRO A 71 -0.86 21.77 16.50
C PRO A 71 -2.26 21.18 16.44
N VAL A 72 -3.01 21.46 15.37
CA VAL A 72 -4.31 20.84 15.14
C VAL A 72 -4.25 20.16 13.77
N MET A 73 -4.35 18.84 13.76
CA MET A 73 -4.04 18.07 12.56
C MET A 73 -5.07 16.97 12.34
N LYS A 74 -5.56 16.86 11.11
CA LYS A 74 -6.43 15.75 10.74
C LYS A 74 -5.57 14.50 10.53
N VAL A 75 -6.03 13.38 11.09
CA VAL A 75 -5.29 12.12 11.04
C VAL A 75 -6.26 10.99 10.74
N ALA A 76 -5.71 9.81 10.56
CA ALA A 76 -6.47 8.57 10.52
C ALA A 76 -6.07 7.70 11.72
N VAL A 77 -6.99 6.85 12.14
CA VAL A 77 -6.81 6.06 13.36
C VAL A 77 -7.24 4.63 13.09
N LYS A 78 -6.36 3.68 13.38
CA LYS A 78 -6.66 2.25 13.29
C LYS A 78 -7.04 1.72 14.66
N MET A 79 -8.09 0.91 14.70
CA MET A 79 -8.55 0.35 15.96
C MET A 79 -9.31 -0.94 15.68
N LEU A 80 -9.35 -1.80 16.70
CA LEU A 80 -10.09 -3.05 16.64
C LEU A 80 -11.49 -2.86 17.21
N LYS A 81 -12.34 -3.87 17.02
CA LYS A 81 -13.65 -3.88 17.65
C LYS A 81 -13.50 -4.01 19.16
N PRO A 82 -14.44 -3.48 19.93
CA PRO A 82 -14.34 -3.57 21.39
C PRO A 82 -14.35 -5.00 21.92
N THR A 83 -14.83 -5.95 21.13
CA THR A 83 -14.82 -7.36 21.52
C THR A 83 -13.50 -8.05 21.18
N ALA A 84 -12.47 -7.29 20.81
CA ALA A 84 -11.23 -7.89 20.34
C ALA A 84 -10.58 -8.77 21.41
N ARG A 85 -10.19 -9.97 21.01
CA ARG A 85 -9.47 -10.86 21.90
C ARG A 85 -8.05 -10.35 22.12
N SER A 86 -7.43 -10.80 23.22
CA SER A 86 -6.09 -10.32 23.56
C SER A 86 -5.08 -10.67 22.47
N SER A 87 -5.31 -11.75 21.72
CA SER A 87 -4.42 -12.09 20.62
C SER A 87 -4.56 -11.11 19.46
N GLU A 88 -5.75 -10.57 19.23
CA GLU A 88 -5.92 -9.54 18.23
C GLU A 88 -5.25 -8.23 18.66
N LYS A 89 -5.36 -7.91 19.95
CA LYS A 89 -4.64 -6.77 20.50
C LYS A 89 -3.14 -6.90 20.25
N GLN A 90 -2.59 -8.09 20.42
CA GLN A 90 -1.16 -8.31 20.19
C GLN A 90 -0.80 -8.03 18.73
N ALA A 91 -1.68 -8.41 17.80
CA ALA A 91 -1.38 -8.21 16.39
C ALA A 91 -1.30 -6.71 16.06
N LEU A 92 -2.13 -5.90 16.71
CA LEU A 92 -2.08 -4.47 16.47
C LEU A 92 -0.80 -3.85 17.03
N MET A 93 -0.34 -4.33 18.19
CA MET A 93 0.95 -3.91 18.69
C MET A 93 2.07 -4.29 17.74
N SER A 94 1.98 -5.48 17.14
CA SER A 94 3.01 -5.94 16.22
C SER A 94 3.09 -5.05 14.99
N GLU A 95 1.95 -4.64 14.46
CA GLU A 95 1.96 -3.68 13.35
C GLU A 95 2.58 -2.36 13.78
N LEU A 96 2.25 -1.91 15.00
CA LEU A 96 2.84 -0.69 15.53
C LEU A 96 4.35 -0.79 15.61
N LYS A 97 4.87 -1.93 16.09
CA LYS A 97 6.31 -2.11 16.19
C LYS A 97 6.97 -2.20 14.82
N ILE A 98 6.30 -2.80 13.84
CA ILE A 98 6.87 -2.88 12.50
C ILE A 98 7.01 -1.50 11.88
N MET A 99 6.02 -0.63 12.10
CA MET A 99 6.08 0.71 11.52
CA MET A 99 6.07 0.70 11.51
C MET A 99 7.19 1.55 12.13
N THR A 100 7.40 1.45 13.44
CA THR A 100 8.51 2.17 14.05
C THR A 100 9.84 1.60 13.57
N HIS A 101 9.90 0.28 13.39
CA HIS A 101 11.13 -0.35 12.92
C HIS A 101 11.48 0.08 11.50
N LEU A 102 10.47 0.29 10.66
CA LEU A 102 10.73 0.65 9.27
C LEU A 102 11.16 2.11 9.11
N GLY A 103 10.59 3.01 9.91
CA GLY A 103 10.87 4.42 9.76
C GLY A 103 9.99 5.04 8.69
N PRO A 104 10.09 6.36 8.53
CA PRO A 104 9.18 7.08 7.64
C PRO A 104 9.70 7.20 6.21
N HIS A 105 8.75 7.44 5.31
CA HIS A 105 9.05 7.74 3.91
C HIS A 105 7.85 8.46 3.31
N LEU A 106 8.12 9.31 2.33
CA LEU A 106 7.07 10.14 1.74
C LEU A 106 5.94 9.29 1.17
N ASN A 107 6.27 8.13 0.59
CA ASN A 107 5.32 7.37 -0.20
C ASN A 107 4.79 6.14 0.52
N ILE A 108 4.76 6.17 1.86
CA ILE A 108 4.03 5.19 2.64
C ILE A 108 3.12 5.95 3.61
N VAL A 109 2.03 5.31 4.01
CA VAL A 109 1.17 5.86 5.05
C VAL A 109 1.95 5.78 6.36
N ASN A 110 2.32 6.94 6.91
CA ASN A 110 3.29 6.99 7.99
C ASN A 110 2.62 6.93 9.35
N LEU A 111 3.33 6.31 10.29
CA LEU A 111 2.89 6.30 11.68
C LEU A 111 3.17 7.64 12.33
N LEU A 112 2.19 8.18 13.04
CA LEU A 112 2.33 9.46 13.72
C LEU A 112 2.31 9.35 15.24
N GLY A 113 1.64 8.33 15.78
CA GLY A 113 1.56 8.15 17.22
C GLY A 113 0.66 6.97 17.52
N ALA A 114 0.49 6.72 18.82
CA ALA A 114 -0.32 5.60 19.25
C ALA A 114 -0.78 5.81 20.68
N CYS A 115 -1.96 5.25 20.99
CA CYS A 115 -2.50 5.19 22.34
C CYS A 115 -2.52 3.73 22.75
N THR A 116 -1.56 3.32 23.57
CA THR A 116 -1.40 1.92 23.94
C THR A 116 -1.56 1.67 25.43
N LYS A 117 -1.94 2.67 26.20
CA LYS A 117 -2.04 2.55 27.66
C LYS A 117 -3.51 2.65 28.08
N SER A 118 -3.94 1.70 28.91
CA SER A 118 -5.26 1.72 29.52
C SER A 118 -6.38 1.86 28.49
N GLY A 119 -6.68 0.77 27.79
CA GLY A 119 -7.76 0.76 26.84
C GLY A 119 -7.37 0.21 25.50
N PRO A 120 -8.23 0.37 24.50
CA PRO A 120 -7.93 -0.17 23.17
C PRO A 120 -6.77 0.57 22.53
N ILE A 121 -6.06 -0.16 21.66
CA ILE A 121 -4.90 0.39 20.97
C ILE A 121 -5.38 1.20 19.78
N TYR A 122 -4.98 2.46 19.72
CA TYR A 122 -5.19 3.32 18.56
C TYR A 122 -3.85 3.53 17.87
N ILE A 123 -3.79 3.24 16.59
CA ILE A 123 -2.64 3.57 15.75
C ILE A 123 -2.99 4.80 14.94
N ILE A 124 -2.29 5.89 15.20
CA ILE A 124 -2.55 7.17 14.53
C ILE A 124 -1.63 7.26 13.32
N ILE A 125 -2.22 7.42 12.13
CA ILE A 125 -1.48 7.41 10.88
C ILE A 125 -1.89 8.63 10.06
N GLU A 126 -1.13 8.87 8.98
CA GLU A 126 -1.39 10.00 8.10
C GLU A 126 -2.77 9.88 7.46
N TYR A 127 -3.49 11.00 7.41
CA TYR A 127 -4.77 11.07 6.73
C TYR A 127 -4.54 11.35 5.24
N CYS A 128 -5.21 10.58 4.39
CA CYS A 128 -5.08 10.68 2.94
C CYS A 128 -6.40 11.18 2.38
N PHE A 129 -6.39 12.43 1.87
CA PHE A 129 -7.62 13.14 1.55
C PHE A 129 -8.40 12.45 0.43
N TYR A 130 -7.71 11.96 -0.59
CA TYR A 130 -8.38 11.44 -1.78
C TYR A 130 -8.75 9.96 -1.66
N GLY A 131 -8.43 9.31 -0.54
CA GLY A 131 -8.80 7.92 -0.37
C GLY A 131 -7.92 6.98 -1.18
N ASP A 132 -8.43 5.76 -1.37
CA ASP A 132 -7.66 4.74 -2.07
C ASP A 132 -7.66 5.02 -3.58
N LEU A 133 -6.66 4.44 -4.26
CA LEU A 133 -6.47 4.70 -5.68
C LEU A 133 -7.61 4.12 -6.52
N VAL A 134 -8.17 2.99 -6.10
CA VAL A 134 -9.27 2.38 -6.85
C VAL A 134 -10.45 3.33 -6.95
N ASN A 135 -10.93 3.81 -5.80
CA ASN A 135 -12.07 4.73 -5.79
C ASN A 135 -11.72 6.04 -6.49
N TYR A 136 -10.46 6.48 -6.37
CA TYR A 136 -10.07 7.70 -7.06
C TYR A 136 -10.12 7.54 -8.56
N LEU A 137 -9.70 6.37 -9.07
CA LEU A 137 -9.75 6.13 -10.51
C LEU A 137 -11.18 6.01 -11.00
N HIS A 138 -12.04 5.33 -10.24
CA HIS A 138 -13.45 5.24 -10.61
C HIS A 138 -14.10 6.62 -10.63
N LYS A 139 -13.71 7.49 -9.69
CA LYS A 139 -14.30 8.81 -9.61
C LYS A 139 -13.94 9.66 -10.81
N ASN A 140 -12.73 9.52 -11.34
CA ASN A 140 -12.22 10.38 -12.40
C ASN A 140 -12.03 9.64 -13.72
N ARG A 141 -12.61 8.44 -13.87
CA ARG A 141 -12.42 7.68 -15.09
C ARG A 141 -13.02 8.41 -16.29
N ASP A 142 -14.23 8.94 -16.13
CA ASP A 142 -14.94 9.56 -17.25
C ASP A 142 -14.29 10.86 -17.72
N SER A 143 -13.52 11.53 -16.86
CA SER A 143 -12.85 12.77 -17.23
C SER A 143 -11.50 12.52 -17.90
N PHE A 144 -11.11 11.27 -18.09
CA PHE A 144 -9.80 10.96 -18.66
C PHE A 144 -9.74 11.31 -20.14
N VAL A 157 1.15 20.09 -16.25
CA VAL A 157 2.36 19.47 -15.71
C VAL A 157 2.64 19.99 -14.31
N LYS A 158 2.60 21.32 -14.16
CA LYS A 158 2.88 21.94 -12.86
C LYS A 158 1.83 21.57 -11.82
N ASN A 159 0.63 21.17 -12.26
CA ASN A 159 -0.46 20.84 -11.35
C ASN A 159 -0.54 19.34 -11.06
N LEU A 160 0.43 18.55 -11.52
CA LEU A 160 0.40 17.12 -11.25
C LEU A 160 0.48 16.83 -9.76
N LEU A 161 1.37 17.54 -9.06
CA LEU A 161 1.55 17.36 -7.62
C LEU A 161 1.00 18.57 -6.85
N SER A 162 -0.31 18.75 -7.01
CA SER A 162 -1.03 19.84 -6.36
C SER A 162 -2.50 19.44 -6.24
N ASP A 163 -3.28 20.30 -5.61
CA ASP A 163 -4.70 20.07 -5.42
C ASP A 163 -5.51 21.03 -6.29
N LEU A 169 -8.27 13.23 -14.91
CA LEU A 169 -7.01 12.51 -15.02
C LEU A 169 -6.36 12.74 -16.38
N THR A 170 -5.03 12.59 -16.41
CA THR A 170 -4.24 12.54 -17.62
C THR A 170 -3.26 11.39 -17.50
N LEU A 171 -2.62 11.06 -18.63
CA LEU A 171 -1.58 10.02 -18.61
C LEU A 171 -0.46 10.39 -17.63
N LEU A 172 -0.15 11.68 -17.53
CA LEU A 172 0.90 12.10 -16.60
C LEU A 172 0.51 11.82 -15.15
N ASP A 173 -0.78 11.97 -14.83
CA ASP A 173 -1.25 11.58 -13.50
C ASP A 173 -1.01 10.10 -13.26
N LEU A 174 -1.34 9.26 -14.24
CA LEU A 174 -1.13 7.82 -14.09
C LEU A 174 0.35 7.49 -13.95
N LEU A 175 1.21 8.21 -14.68
CA LEU A 175 2.64 7.98 -14.56
C LEU A 175 3.18 8.49 -13.23
N SER A 176 2.59 9.55 -12.70
CA SER A 176 2.98 10.02 -11.37
C SER A 176 2.66 8.98 -10.30
N PHE A 177 1.46 8.38 -10.37
CA PHE A 177 1.13 7.28 -9.48
C PHE A 177 2.12 6.14 -9.64
N THR A 178 2.42 5.77 -10.89
CA THR A 178 3.36 4.68 -11.16
C THR A 178 4.72 4.95 -10.53
N TYR A 179 5.21 6.18 -10.63
CA TYR A 179 6.53 6.50 -10.10
C TYR A 179 6.55 6.46 -8.58
N GLN A 180 5.54 7.07 -7.94
CA GLN A 180 5.54 7.18 -6.48
C GLN A 180 5.38 5.82 -5.81
N VAL A 181 4.59 4.92 -6.40
CA VAL A 181 4.50 3.56 -5.87
C VAL A 181 5.85 2.88 -5.94
N ALA A 182 6.58 3.08 -7.05
CA ALA A 182 7.91 2.49 -7.18
C ALA A 182 8.85 3.04 -6.11
N ARG A 183 8.81 4.35 -5.86
CA ARG A 183 9.64 4.94 -4.81
C ARG A 183 9.25 4.39 -3.44
N GLY A 184 7.95 4.28 -3.17
CA GLY A 184 7.52 3.74 -1.89
C GLY A 184 7.95 2.29 -1.71
N MET A 185 7.81 1.48 -2.76
CA MET A 185 8.22 0.09 -2.67
C MET A 185 9.73 -0.05 -2.61
N GLU A 186 10.46 0.83 -3.31
CA GLU A 186 11.92 0.86 -3.19
C GLU A 186 12.33 1.08 -1.74
N PHE A 187 11.60 1.95 -1.02
CA PHE A 187 11.89 2.17 0.38
C PHE A 187 11.66 0.91 1.20
N LEU A 188 10.49 0.28 1.04
CA LEU A 188 10.20 -0.94 1.77
C LEU A 188 11.22 -2.03 1.47
N ALA A 189 11.61 -2.16 0.20
CA ALA A 189 12.60 -3.15 -0.18
C ALA A 189 13.95 -2.85 0.48
N SER A 190 14.31 -1.57 0.58
CA SER A 190 15.57 -1.20 1.20
C SER A 190 15.60 -1.53 2.69
N LYS A 191 14.43 -1.67 3.32
CA LYS A 191 14.34 -2.09 4.71
C LYS A 191 14.09 -3.60 4.85
N ASN A 192 14.31 -4.36 3.79
CA ASN A 192 14.10 -5.82 3.78
C ASN A 192 12.66 -6.18 4.13
N CYS A 193 11.71 -5.33 3.74
CA CYS A 193 10.30 -5.52 4.02
C CYS A 193 9.58 -5.97 2.76
N VAL A 194 8.76 -7.01 2.88
CA VAL A 194 7.95 -7.52 1.78
C VAL A 194 6.50 -7.18 2.07
N HIS A 195 5.81 -6.61 1.08
CA HIS A 195 4.45 -6.13 1.27
C HIS A 195 3.44 -7.27 1.32
N ARG A 196 3.45 -8.13 0.30
CA ARG A 196 2.65 -9.35 0.16
C ARG A 196 1.18 -9.08 -0.15
N ASP A 197 0.75 -7.82 -0.23
CA ASP A 197 -0.61 -7.53 -0.68
C ASP A 197 -0.63 -6.19 -1.43
N LEU A 198 0.38 -5.97 -2.26
CA LEU A 198 0.44 -4.74 -3.04
C LEU A 198 -0.65 -4.75 -4.10
N ALA A 199 -1.48 -3.72 -4.08
CA ALA A 199 -2.61 -3.56 -4.99
C ALA A 199 -3.11 -2.13 -4.89
N ALA A 200 -3.89 -1.72 -5.88
CA ALA A 200 -4.39 -0.35 -5.90
C ALA A 200 -5.29 -0.05 -4.69
N ARG A 201 -5.94 -1.09 -4.14
CA ARG A 201 -6.75 -0.89 -2.94
C ARG A 201 -5.89 -0.59 -1.71
N ASN A 202 -4.60 -0.92 -1.76
CA ASN A 202 -3.67 -0.63 -0.67
C ASN A 202 -2.77 0.57 -0.98
N VAL A 203 -3.19 1.42 -1.91
CA VAL A 203 -2.48 2.65 -2.25
C VAL A 203 -3.44 3.81 -2.04
N LEU A 204 -3.10 4.71 -1.14
CA LEU A 204 -3.92 5.88 -0.86
C LEU A 204 -3.30 7.11 -1.49
N LEU A 205 -4.13 8.14 -1.68
CA LEU A 205 -3.72 9.39 -2.30
C LEU A 205 -3.98 10.52 -1.32
N ALA A 206 -2.92 11.19 -0.88
CA ALA A 206 -3.02 12.26 0.09
C ALA A 206 -3.02 13.61 -0.61
N GLN A 207 -3.12 14.68 0.18
CA GLN A 207 -3.13 16.03 -0.39
C GLN A 207 -1.87 16.27 -1.20
N GLY A 208 -2.02 17.07 -2.26
CA GLY A 208 -0.95 17.24 -3.22
C GLY A 208 -0.76 16.07 -4.15
N LYS A 209 -1.71 15.13 -4.18
CA LYS A 209 -1.63 13.93 -5.01
C LYS A 209 -0.36 13.14 -4.70
N ILE A 210 -0.06 13.01 -3.42
CA ILE A 210 1.08 12.22 -2.96
C ILE A 210 0.59 10.79 -2.69
N VAL A 211 1.20 9.83 -3.37
CA VAL A 211 0.84 8.42 -3.25
C VAL A 211 1.42 7.87 -1.95
N LYS A 212 0.63 7.06 -1.24
CA LYS A 212 1.06 6.52 0.04
C LYS A 212 0.63 5.05 0.14
N ILE A 213 1.62 4.15 0.09
CA ILE A 213 1.36 2.72 0.21
C ILE A 213 1.03 2.38 1.66
N CYS A 214 0.15 1.40 1.84
CA CYS A 214 -0.24 0.97 3.18
C CYS A 214 -0.72 -0.47 3.12
N ASP A 215 -1.10 -1.00 4.28
CA ASP A 215 -1.86 -2.24 4.41
C ASP A 215 -3.19 -1.83 5.05
N PHE A 216 -4.23 -1.72 4.22
CA PHE A 216 -5.55 -1.27 4.65
C PHE A 216 -6.48 -2.44 4.95
N GLY A 217 -5.92 -3.60 5.28
CA GLY A 217 -6.72 -4.80 5.53
C GLY A 217 -7.67 -4.68 6.70
N LEU A 218 -7.39 -3.79 7.64
CA LEU A 218 -8.29 -3.61 8.78
C LEU A 218 -9.64 -3.06 8.35
N ALA A 219 -9.72 -2.45 7.18
CA ALA A 219 -10.98 -1.90 6.65
C ALA A 219 -11.68 -2.88 5.71
N ARG A 220 -11.27 -4.15 5.69
CA ARG A 220 -11.82 -5.13 4.76
C ARG A 220 -12.22 -6.39 5.50
N ASP A 221 -12.98 -7.23 4.79
CA ASP A 221 -13.34 -8.57 5.23
C ASP A 221 -12.91 -9.50 4.09
N ILE A 222 -11.71 -10.06 4.20
CA ILE A 222 -11.18 -10.90 3.14
C ILE A 222 -11.95 -12.20 2.96
N MET A 223 -12.84 -12.53 3.89
CA MET A 223 -13.71 -13.69 3.72
C MET A 223 -14.89 -13.41 2.82
N HIS A 224 -15.21 -12.13 2.57
CA HIS A 224 -16.35 -11.75 1.75
C HIS A 224 -15.95 -10.61 0.81
N ASP A 225 -14.79 -10.76 0.19
CA ASP A 225 -14.26 -9.78 -0.75
C ASP A 225 -13.79 -10.53 -1.99
N SER A 226 -14.32 -10.14 -3.16
CA SER A 226 -14.03 -10.88 -4.39
C SER A 226 -12.57 -10.75 -4.82
N ASN A 227 -11.81 -9.82 -4.26
CA ASN A 227 -10.38 -9.73 -4.54
C ASN A 227 -9.56 -10.79 -3.82
N TYR A 228 -10.14 -11.44 -2.82
CA TYR A 228 -9.44 -12.45 -2.03
C TYR A 228 -10.15 -13.79 -2.23
N VAL A 229 -9.36 -14.83 -2.47
CA VAL A 229 -9.87 -16.14 -2.88
C VAL A 229 -9.47 -17.17 -1.82
N SER A 230 -10.42 -18.01 -1.43
CA SER A 230 -10.16 -19.11 -0.52
C SER A 230 -9.12 -20.06 -1.10
N LYS A 231 -7.95 -20.10 -0.49
CA LYS A 231 -6.88 -21.03 -0.88
C LYS A 231 -6.25 -21.58 0.38
N GLY A 232 -6.28 -22.90 0.54
CA GLY A 232 -5.83 -23.49 1.77
C GLY A 232 -6.78 -23.14 2.90
N SER A 233 -6.23 -22.61 4.00
CA SER A 233 -7.01 -22.28 5.17
C SER A 233 -7.25 -20.78 5.31
N THR A 234 -7.07 -20.01 4.24
CA THR A 234 -7.21 -18.57 4.33
C THR A 234 -7.71 -18.03 2.98
N PHE A 235 -7.72 -16.71 2.85
CA PHE A 235 -8.17 -16.03 1.64
C PHE A 235 -7.04 -15.12 1.16
N LEU A 236 -6.61 -15.31 -0.09
CA LEU A 236 -5.42 -14.66 -0.60
C LEU A 236 -5.74 -13.83 -1.84
N PRO A 237 -4.99 -12.73 -2.07
CA PRO A 237 -5.16 -11.92 -3.30
C PRO A 237 -4.48 -12.56 -4.49
N VAL A 238 -5.07 -13.68 -4.94
CA VAL A 238 -4.41 -14.54 -5.92
C VAL A 238 -4.11 -13.81 -7.22
N LYS A 239 -5.06 -12.98 -7.69
CA LYS A 239 -4.88 -12.29 -8.96
C LYS A 239 -3.68 -11.35 -8.94
N TRP A 240 -3.19 -10.97 -7.76
CA TRP A 240 -2.02 -10.09 -7.64
C TRP A 240 -0.75 -10.84 -7.30
N MET A 241 -0.82 -12.15 -7.10
CA MET A 241 0.30 -12.92 -6.55
C MET A 241 1.14 -13.55 -7.67
N ALA A 242 2.45 -13.58 -7.45
CA ALA A 242 3.35 -14.23 -8.38
C ALA A 242 3.18 -15.76 -8.29
N PRO A 243 3.53 -16.48 -9.36
CA PRO A 243 3.40 -17.94 -9.33
C PRO A 243 4.13 -18.60 -8.17
N GLU A 244 5.31 -18.10 -7.80
CA GLU A 244 6.06 -18.73 -6.72
C GLU A 244 5.38 -18.52 -5.38
N SER A 245 4.62 -17.43 -5.22
CA SER A 245 3.88 -17.24 -3.97
C SER A 245 2.66 -18.14 -3.93
N ILE A 246 2.01 -18.36 -5.08
CA ILE A 246 0.81 -19.19 -5.11
C ILE A 246 1.17 -20.66 -4.91
N PHE A 247 2.18 -21.15 -5.65
CA PHE A 247 2.48 -22.57 -5.65
C PHE A 247 3.49 -22.98 -4.59
N ASP A 248 4.45 -22.12 -4.25
CA ASP A 248 5.50 -22.47 -3.31
C ASP A 248 5.47 -21.66 -2.03
N ASN A 249 4.50 -20.75 -1.86
CA ASN A 249 4.37 -19.93 -0.66
C ASN A 249 5.63 -19.09 -0.42
N LEU A 250 6.31 -18.70 -1.50
CA LEU A 250 7.51 -17.88 -1.43
C LEU A 250 7.14 -16.42 -1.67
N TYR A 251 7.43 -15.57 -0.69
CA TYR A 251 7.19 -14.14 -0.80
C TYR A 251 8.54 -13.42 -0.73
N THR A 252 8.88 -12.70 -1.78
CA THR A 252 10.08 -11.88 -1.83
C THR A 252 9.73 -10.51 -2.41
N THR A 253 10.71 -9.60 -2.38
CA THR A 253 10.54 -8.32 -3.04
CA THR A 253 10.54 -8.32 -3.04
C THR A 253 10.25 -8.50 -4.52
N LEU A 254 10.81 -9.54 -5.13
CA LEU A 254 10.57 -9.81 -6.54
C LEU A 254 9.13 -10.29 -6.78
N SER A 255 8.51 -10.92 -5.79
CA SER A 255 7.09 -11.22 -5.91
C SER A 255 6.25 -9.95 -5.75
N ASP A 256 6.71 -9.00 -4.93
CA ASP A 256 6.08 -7.69 -4.89
C ASP A 256 6.12 -7.00 -6.25
N VAL A 257 7.23 -7.20 -6.98
CA VAL A 257 7.36 -6.60 -8.31
C VAL A 257 6.29 -7.15 -9.25
N TRP A 258 6.02 -8.45 -9.16
CA TRP A 258 4.90 -9.02 -9.91
C TRP A 258 3.59 -8.31 -9.56
N SER A 259 3.33 -8.17 -8.26
CA SER A 259 2.14 -7.46 -7.81
C SER A 259 2.14 -6.02 -8.31
N TYR A 260 3.31 -5.40 -8.37
CA TYR A 260 3.43 -4.05 -8.90
C TYR A 260 2.98 -4.00 -10.36
N GLY A 261 3.34 -5.02 -11.15
CA GLY A 261 2.86 -5.07 -12.53
C GLY A 261 1.35 -5.18 -12.62
N ILE A 262 0.75 -6.00 -11.74
CA ILE A 262 -0.70 -6.09 -11.69
C ILE A 262 -1.31 -4.76 -11.28
N LEU A 263 -0.67 -4.09 -10.31
CA LEU A 263 -1.12 -2.77 -9.89
C LEU A 263 -1.10 -1.77 -11.05
N LEU A 264 -0.06 -1.85 -11.89
CA LEU A 264 0.00 -0.97 -13.05
C LEU A 264 -1.15 -1.25 -14.02
N TRP A 265 -1.55 -2.52 -14.14
CA TRP A 265 -2.71 -2.84 -14.96
C TRP A 265 -3.97 -2.20 -14.38
N GLU A 266 -4.11 -2.21 -13.05
CA GLU A 266 -5.22 -1.52 -12.42
C GLU A 266 -5.22 -0.04 -12.75
N ILE A 267 -4.05 0.59 -12.71
CA ILE A 267 -3.96 2.04 -12.91
C ILE A 267 -4.36 2.40 -14.34
N PHE A 268 -3.73 1.76 -15.33
CA PHE A 268 -3.93 2.15 -16.71
C PHE A 268 -5.20 1.55 -17.33
N SER A 269 -5.91 0.69 -16.61
CA SER A 269 -7.28 0.35 -16.93
C SER A 269 -8.28 1.25 -16.21
N LEU A 270 -7.78 2.22 -15.44
CA LEU A 270 -8.61 3.18 -14.71
C LEU A 270 -9.53 2.47 -13.72
N GLY A 271 -8.94 1.55 -12.94
CA GLY A 271 -9.68 0.87 -11.89
C GLY A 271 -10.32 -0.43 -12.31
N GLY A 272 -9.89 -1.04 -13.41
CA GLY A 272 -10.42 -2.32 -13.80
C GLY A 272 -9.94 -3.44 -12.89
N THR A 273 -10.73 -4.51 -12.86
CA THR A 273 -10.34 -5.69 -12.11
C THR A 273 -9.41 -6.56 -12.97
N PRO A 274 -8.28 -7.03 -12.43
CA PRO A 274 -7.38 -7.85 -13.24
C PRO A 274 -8.04 -9.14 -13.70
N TYR A 275 -7.63 -9.59 -14.88
CA TYR A 275 -8.19 -10.77 -15.52
C TYR A 275 -9.72 -10.70 -15.58
N PRO A 276 -10.28 -9.71 -16.27
CA PRO A 276 -11.74 -9.50 -16.21
C PRO A 276 -12.48 -10.63 -16.91
N GLY A 277 -13.46 -11.19 -16.21
CA GLY A 277 -14.25 -12.29 -16.71
C GLY A 277 -13.74 -13.66 -16.31
N MET A 278 -12.49 -13.77 -15.90
CA MET A 278 -11.92 -15.05 -15.49
C MET A 278 -12.10 -15.26 -14.00
N MET A 279 -12.48 -16.48 -13.63
CA MET A 279 -12.66 -16.85 -12.23
C MET A 279 -11.44 -17.59 -11.72
N VAL A 280 -11.08 -17.34 -10.47
CA VAL A 280 -9.90 -17.96 -9.86
C VAL A 280 -10.26 -19.38 -9.46
N ASP A 281 -9.66 -20.35 -10.12
CA ASP A 281 -9.85 -21.76 -9.81
C ASP A 281 -8.55 -22.49 -10.15
N SER A 282 -8.58 -23.82 -10.08
CA SER A 282 -7.40 -24.59 -10.43
C SER A 282 -6.95 -24.31 -11.86
N THR A 283 -7.90 -24.01 -12.76
CA THR A 283 -7.54 -23.65 -14.13
C THR A 283 -6.73 -22.36 -14.18
N PHE A 284 -7.14 -21.36 -13.38
CA PHE A 284 -6.46 -20.07 -13.39
C PHE A 284 -4.99 -20.21 -12.99
N TYR A 285 -4.73 -20.96 -11.92
CA TYR A 285 -3.36 -21.12 -11.43
C TYR A 285 -2.46 -21.69 -12.52
N ASN A 286 -2.90 -22.77 -13.17
CA ASN A 286 -2.06 -23.42 -14.17
C ASN A 286 -1.97 -22.60 -15.45
N LYS A 287 -2.99 -21.81 -15.76
CA LYS A 287 -2.95 -20.97 -16.95
C LYS A 287 -1.89 -19.87 -16.81
N ILE A 288 -1.86 -19.21 -15.67
CA ILE A 288 -0.82 -18.22 -15.41
C ILE A 288 0.55 -18.88 -15.37
N LYS A 289 0.64 -20.05 -14.73
CA LYS A 289 1.91 -20.77 -14.66
C LYS A 289 2.40 -21.16 -16.05
N SER A 290 1.48 -21.49 -16.96
CA SER A 290 1.84 -21.85 -18.32
C SER A 290 2.24 -20.65 -19.17
N GLY A 291 2.11 -19.42 -18.65
CA GLY A 291 2.60 -18.25 -19.33
C GLY A 291 1.55 -17.26 -19.79
N TYR A 292 0.29 -17.43 -19.42
CA TYR A 292 -0.72 -16.47 -19.82
C TYR A 292 -0.53 -15.15 -19.08
N ARG A 293 -0.68 -14.05 -19.81
CA ARG A 293 -0.58 -12.72 -19.25
C ARG A 293 -1.70 -11.85 -19.81
N MET A 294 -2.10 -10.83 -19.05
CA MET A 294 -3.11 -9.90 -19.50
C MET A 294 -2.62 -9.11 -20.71
N ALA A 295 -3.55 -8.75 -21.59
CA ALA A 295 -3.22 -7.89 -22.71
C ALA A 295 -3.04 -6.45 -22.22
N LYS A 296 -2.55 -5.61 -23.12
CA LYS A 296 -2.24 -4.23 -22.75
C LYS A 296 -3.52 -3.49 -22.37
N PRO A 297 -3.54 -2.75 -21.26
CA PRO A 297 -4.68 -1.89 -20.98
C PRO A 297 -4.83 -0.82 -22.06
N ASP A 298 -6.07 -0.35 -22.23
CA ASP A 298 -6.38 0.53 -23.35
C ASP A 298 -5.64 1.86 -23.26
N HIS A 299 -5.38 2.35 -22.05
CA HIS A 299 -4.76 3.66 -21.87
C HIS A 299 -3.28 3.58 -21.52
N ALA A 300 -2.70 2.37 -21.55
CA ALA A 300 -1.28 2.23 -21.29
C ALA A 300 -0.48 2.48 -22.56
N THR A 301 0.69 3.09 -22.40
CA THR A 301 1.60 3.24 -23.53
C THR A 301 2.37 1.94 -23.75
N SER A 302 3.06 1.88 -24.90
CA SER A 302 3.88 0.72 -25.20
C SER A 302 5.02 0.56 -24.19
N GLU A 303 5.56 1.67 -23.70
CA GLU A 303 6.62 1.60 -22.71
C GLU A 303 6.09 1.12 -21.36
N VAL A 304 4.89 1.60 -20.98
CA VAL A 304 4.30 1.19 -19.72
C VAL A 304 3.96 -0.30 -19.76
N TYR A 305 3.45 -0.79 -20.88
CA TYR A 305 3.11 -2.21 -20.98
C TYR A 305 4.35 -3.08 -20.94
N GLU A 306 5.45 -2.61 -21.55
CA GLU A 306 6.70 -3.34 -21.48
C GLU A 306 7.19 -3.48 -20.05
N ILE A 307 6.93 -2.48 -19.20
CA ILE A 307 7.28 -2.58 -17.79
C ILE A 307 6.48 -3.69 -17.13
N MET A 308 5.17 -3.74 -17.39
CA MET A 308 4.32 -4.77 -16.83
C MET A 308 4.76 -6.16 -17.26
N VAL A 309 5.10 -6.30 -18.56
CA VAL A 309 5.56 -7.60 -19.06
C VAL A 309 6.83 -8.03 -18.35
N LYS A 310 7.75 -7.09 -18.11
CA LYS A 310 8.97 -7.41 -17.37
C LYS A 310 8.65 -7.85 -15.94
N CYS A 311 7.68 -7.18 -15.30
CA CYS A 311 7.30 -7.53 -13.94
C CYS A 311 6.64 -8.90 -13.85
N TRP A 312 6.06 -9.39 -14.94
CA TRP A 312 5.36 -10.67 -14.96
C TRP A 312 6.24 -11.81 -15.49
N ASN A 313 7.56 -11.67 -15.41
CA ASN A 313 8.43 -12.77 -15.81
CA ASN A 313 8.45 -12.76 -15.78
C ASN A 313 8.26 -13.94 -14.84
N SER A 314 8.22 -15.15 -15.40
CA SER A 314 8.09 -16.33 -14.55
C SER A 314 9.31 -16.50 -13.65
N GLU A 315 10.50 -16.24 -14.19
CA GLU A 315 11.72 -16.27 -13.40
C GLU A 315 11.81 -14.98 -12.58
N PRO A 316 11.73 -15.07 -11.25
CA PRO A 316 11.70 -13.85 -10.43
C PRO A 316 12.92 -12.96 -10.63
N GLU A 317 14.09 -13.55 -10.86
CA GLU A 317 15.31 -12.78 -11.00
C GLU A 317 15.39 -12.00 -12.31
N LYS A 318 14.51 -12.29 -13.28
CA LYS A 318 14.42 -11.47 -14.47
C LYS A 318 13.55 -10.24 -14.28
N ARG A 319 12.80 -10.18 -13.18
CA ARG A 319 11.98 -9.00 -12.91
C ARG A 319 12.86 -7.86 -12.43
N PRO A 320 12.54 -6.62 -12.81
CA PRO A 320 13.36 -5.48 -12.38
C PRO A 320 13.15 -5.16 -10.91
N SER A 321 14.20 -4.65 -10.28
CA SER A 321 14.09 -4.17 -8.92
C SER A 321 13.26 -2.89 -8.88
N PHE A 322 12.80 -2.53 -7.68
CA PHE A 322 12.03 -1.30 -7.53
C PHE A 322 12.89 -0.06 -7.75
N TYR A 323 14.18 -0.13 -7.42
CA TYR A 323 15.08 0.98 -7.74
C TYR A 323 15.15 1.20 -9.24
N HIS A 324 15.36 0.12 -10.01
CA HIS A 324 15.39 0.25 -11.45
C HIS A 324 14.03 0.66 -12.01
N LEU A 325 12.94 0.21 -11.39
CA LEU A 325 11.61 0.64 -11.82
C LEU A 325 11.44 2.14 -11.64
N SER A 326 11.92 2.69 -10.53
CA SER A 326 11.85 4.13 -10.32
CA SER A 326 11.85 4.13 -10.33
C SER A 326 12.67 4.86 -11.37
N GLU A 327 13.83 4.31 -11.74
CA GLU A 327 14.65 4.95 -12.77
C GLU A 327 13.95 4.91 -14.12
N ILE A 328 13.35 3.77 -14.46
CA ILE A 328 12.66 3.64 -15.74
C ILE A 328 11.50 4.62 -15.83
N VAL A 329 10.63 4.62 -14.81
CA VAL A 329 9.42 5.43 -14.86
C VAL A 329 9.77 6.92 -14.82
N GLU A 330 10.80 7.29 -14.05
CA GLU A 330 11.21 8.70 -14.01
C GLU A 330 11.60 9.20 -15.39
N ASN A 331 12.24 8.36 -16.19
CA ASN A 331 12.62 8.75 -17.55
C ASN A 331 11.41 8.88 -18.48
N LEU A 332 10.25 8.38 -18.08
CA LEU A 332 9.03 8.54 -18.87
C LEU A 332 8.26 9.81 -18.53
N LEU A 333 8.61 10.48 -17.43
CA LEU A 333 7.98 11.68 -16.94
C LEU A 333 8.78 12.92 -17.33
N PRO A 334 8.14 14.08 -17.39
CA PRO A 334 8.89 15.31 -17.69
C PRO A 334 9.94 15.58 -16.62
N GLY A 335 11.06 16.17 -17.05
CA GLY A 335 12.13 16.48 -16.14
C GLY A 335 11.70 17.38 -14.99
N GLN A 336 10.77 18.29 -15.26
CA GLN A 336 10.29 19.19 -14.21
C GLN A 336 9.46 18.46 -13.16
N TYR A 337 8.88 17.30 -13.50
CA TYR A 337 8.17 16.52 -12.48
C TYR A 337 9.12 16.02 -11.41
N LYS A 338 10.29 15.53 -11.82
CA LYS A 338 11.29 15.06 -10.87
C LYS A 338 11.68 16.16 -9.89
N LYS A 339 11.83 17.39 -10.38
CA LYS A 339 12.15 18.50 -9.49
C LYS A 339 10.99 18.81 -8.55
N SER A 340 9.76 18.79 -9.07
CA SER A 340 8.60 19.03 -8.21
C SER A 340 8.46 17.95 -7.15
N TYR A 341 8.77 16.69 -7.51
CA TYR A 341 8.68 15.60 -6.56
C TYR A 341 9.67 15.78 -5.42
N GLU A 342 10.92 16.14 -5.74
CA GLU A 342 11.93 16.24 -4.71
C GLU A 342 11.72 17.45 -3.81
N LYS A 343 11.11 18.51 -4.33
CA LYS A 343 10.74 19.64 -3.48
C LYS A 343 9.72 19.22 -2.43
N ILE A 344 8.70 18.47 -2.85
CA ILE A 344 7.74 17.92 -1.90
C ILE A 344 8.44 16.94 -0.96
N HIS A 345 9.28 16.08 -1.51
CA HIS A 345 10.05 15.15 -0.68
C HIS A 345 10.90 15.89 0.33
N LEU A 346 11.51 17.01 -0.09
CA LEU A 346 12.33 17.80 0.82
C LEU A 346 11.49 18.37 1.96
N ASP A 347 10.33 18.95 1.62
CA ASP A 347 9.44 19.47 2.66
C ASP A 347 9.07 18.39 3.67
N PHE A 348 8.80 17.18 3.18
CA PHE A 348 8.46 16.07 4.07
C PHE A 348 9.59 15.76 5.05
N LEU A 349 10.83 15.72 4.54
CA LEU A 349 11.97 15.38 5.39
C LEU A 349 12.27 16.49 6.41
N LYS A 350 12.05 17.75 6.04
CA LYS A 350 12.33 18.84 6.97
C LYS A 350 11.20 19.10 7.95
N SER A 351 10.00 18.56 7.69
CA SER A 351 8.85 18.83 8.53
C SER A 351 8.84 17.95 9.76
N ASP A 352 8.53 18.55 10.91
CA ASP A 352 8.43 17.82 12.17
C ASP A 352 7.07 18.05 12.82
#